data_7V42
#
_entry.id   7V42
#
_cell.length_a   111.181
_cell.length_b   111.181
_cell.length_c   79.804
_cell.angle_alpha   90.000
_cell.angle_beta   90.000
_cell.angle_gamma   120.000
#
_symmetry.space_group_name_H-M   'P 32 2 1'
#
loop_
_entity.id
_entity.type
_entity.pdbx_description
1 polymer 'p450tol monooxygenase'
2 non-polymer 'PROTOPORPHYRIN IX CONTAINING FE'
3 non-polymer phenylmethanol
4 non-polymer 'PHOSPHATE ION'
5 water water
#
_entity_poly.entity_id   1
_entity_poly.type   'polypeptide(L)'
_entity_poly.pdbx_seq_one_letter_code
;MTTVESNTTAAIPDEIARQIVLPEGHKDNVPLFEAYRWLRENQPLGQARVEGYDPLWLITKYADLMEVERQPQIFAAGGG
EDKGSNNPILANQAGDEFTRQLLGGNLRILDALPYLDQPEHSVVKDVAFDWFRPANLKKWEDRIRETARASIDRLLAGGP
DLDAVQEFAVFFPLRVIMSLFGVPEEDEPRMMALTQDFFGVADPDAQRDDIEALSPDAAAQQWAATIADFYAYFDVLVES
RRAEPRDDLATLIAVAKDENGEYFPKTFAYGWFVAIATAGHDTTASTLAGCLQSLAAHPEVLDRVKGDPDLIPDLVNESL
RIVSPVKHFTRVALQDYEMRGQKIKAGDRLMLLFQSGNRDAEVFDRPDDFDIDRRPNKHIAFGYGPHMCIGQHLAKLELK
VMLQELLPHLERVEVSGEPKLIQTNFVGGLRKLPVHLTFS
;
_entity_poly.pdbx_strand_id   A
#
# COMPACT_ATOMS: atom_id res chain seq x y z
N THR A 9 -30.39 2.11 8.97
CA THR A 9 -30.55 3.25 8.00
C THR A 9 -29.85 4.52 8.56
N ALA A 10 -29.60 4.59 9.86
CA ALA A 10 -28.92 5.77 10.43
C ALA A 10 -27.45 5.83 9.93
N ALA A 11 -26.81 6.99 10.10
CA ALA A 11 -25.34 7.10 9.95
C ALA A 11 -24.67 6.15 10.93
N ILE A 12 -23.49 5.70 10.59
CA ILE A 12 -22.57 5.06 11.57
C ILE A 12 -22.38 5.98 12.78
N PRO A 13 -22.30 5.43 14.01
CA PRO A 13 -22.03 6.27 15.18
C PRO A 13 -20.71 7.03 15.02
N ASP A 14 -20.69 8.31 15.40
CA ASP A 14 -19.53 9.22 15.16
C ASP A 14 -18.26 8.56 15.67
N GLU A 15 -18.26 7.96 16.85
CA GLU A 15 -17.00 7.47 17.47
C GLU A 15 -16.37 6.34 16.60
N ILE A 16 -17.19 5.50 16.02
CA ILE A 16 -16.77 4.40 15.10
C ILE A 16 -16.29 5.02 13.77
N ALA A 17 -17.08 5.92 13.19
CA ALA A 17 -16.78 6.56 11.86
C ALA A 17 -15.43 7.27 12.00
N ARG A 18 -15.25 8.07 13.10
CA ARG A 18 -14.00 8.86 13.24
C ARG A 18 -12.80 7.93 13.35
N GLN A 19 -12.96 6.78 14.02
CA GLN A 19 -11.84 5.86 14.27
C GLN A 19 -11.26 5.36 12.94
N ILE A 20 -12.12 5.18 11.97
CA ILE A 20 -11.70 4.63 10.65
C ILE A 20 -11.37 5.73 9.65
N VAL A 21 -12.14 6.80 9.60
CA VAL A 21 -11.98 7.85 8.58
C VAL A 21 -10.78 8.71 8.93
N LEU A 22 -10.65 9.12 10.19
CA LEU A 22 -9.55 10.06 10.54
C LEU A 22 -8.22 9.33 10.62
N PRO A 23 -7.16 9.92 10.01
CA PRO A 23 -5.82 9.34 10.15
C PRO A 23 -5.45 9.08 11.60
N GLU A 24 -5.88 9.94 12.52
CA GLU A 24 -5.53 9.78 13.95
C GLU A 24 -6.09 8.47 14.50
N GLY A 25 -7.16 7.94 13.91
CA GLY A 25 -7.83 6.73 14.37
C GLY A 25 -7.01 5.47 14.10
N HIS A 26 -5.98 5.59 13.27
CA HIS A 26 -5.13 4.45 12.88
C HIS A 26 -3.84 4.43 13.69
N LYS A 27 -3.67 5.35 14.65
CA LYS A 27 -2.40 5.45 15.42
C LYS A 27 -2.21 4.18 16.24
N ASP A 28 -3.29 3.58 16.67
CA ASP A 28 -3.32 2.34 17.47
C ASP A 28 -4.23 1.31 16.80
N ASN A 29 -3.66 0.16 16.43
CA ASN A 29 -4.44 -0.90 15.74
C ASN A 29 -5.57 -1.41 16.62
N VAL A 30 -5.48 -1.35 17.95
CA VAL A 30 -6.50 -2.04 18.77
C VAL A 30 -7.86 -1.39 18.61
N PRO A 31 -8.06 -0.09 18.90
CA PRO A 31 -9.38 0.48 18.70
C PRO A 31 -9.79 0.52 17.20
N LEU A 32 -8.80 0.65 16.32
CA LEU A 32 -9.12 0.66 14.87
C LEU A 32 -9.77 -0.67 14.48
N PHE A 33 -9.15 -1.78 14.81
CA PHE A 33 -9.71 -3.11 14.40
C PHE A 33 -10.98 -3.42 15.18
N GLU A 34 -11.13 -2.91 16.40
CA GLU A 34 -12.41 -3.07 17.12
C GLU A 34 -13.51 -2.26 16.42
N ALA A 35 -13.20 -1.11 15.79
CA ALA A 35 -14.23 -0.33 15.08
C ALA A 35 -14.63 -1.13 13.81
N TYR A 36 -13.65 -1.62 13.04
CA TYR A 36 -14.00 -2.48 11.90
C TYR A 36 -14.92 -3.63 12.39
N ARG A 37 -14.52 -4.27 13.48
CA ARG A 37 -15.29 -5.45 13.97
C ARG A 37 -16.70 -5.02 14.36
N TRP A 38 -16.86 -3.88 15.05
CA TRP A 38 -18.20 -3.39 15.43
C TRP A 38 -19.07 -3.27 14.19
N LEU A 39 -18.53 -2.71 13.08
CA LEU A 39 -19.33 -2.54 11.86
C LEU A 39 -19.69 -3.91 11.29
N ARG A 40 -18.72 -4.79 11.12
CA ARG A 40 -19.02 -6.08 10.48
C ARG A 40 -20.13 -6.80 11.24
N GLU A 41 -20.18 -6.64 12.56
CA GLU A 41 -21.14 -7.37 13.43
C GLU A 41 -22.47 -6.60 13.54
N ASN A 42 -22.48 -5.27 13.44
CA ASN A 42 -23.63 -4.42 13.83
C ASN A 42 -24.14 -3.54 12.71
N GLN A 43 -23.29 -3.18 11.74
CA GLN A 43 -23.69 -2.25 10.66
C GLN A 43 -22.66 -2.46 9.55
N PRO A 44 -22.69 -3.65 8.92
CA PRO A 44 -21.68 -4.02 7.92
C PRO A 44 -21.62 -3.06 6.70
N LEU A 45 -22.73 -2.43 6.32
CA LEU A 45 -22.73 -1.42 5.24
C LEU A 45 -23.50 -0.19 5.69
N GLY A 46 -22.74 0.75 6.23
CA GLY A 46 -23.29 2.03 6.72
C GLY A 46 -22.55 3.21 6.11
N GLN A 47 -23.13 4.39 6.23
CA GLN A 47 -22.50 5.61 5.73
C GLN A 47 -21.87 6.37 6.90
N ALA A 48 -20.55 6.60 6.85
CA ALA A 48 -19.83 7.45 7.84
C ALA A 48 -20.01 8.88 7.37
N ARG A 49 -20.46 9.78 8.26
CA ARG A 49 -20.63 11.21 7.95
C ARG A 49 -19.77 12.00 8.94
N VAL A 50 -18.48 12.06 8.70
CA VAL A 50 -17.49 12.67 9.60
C VAL A 50 -17.28 14.13 9.20
N GLU A 51 -17.30 15.05 10.17
CA GLU A 51 -17.12 16.48 9.85
C GLU A 51 -15.82 16.67 9.07
N GLY A 52 -15.89 17.38 7.97
CA GLY A 52 -14.72 17.72 7.16
C GLY A 52 -14.47 16.70 6.05
N TYR A 53 -15.30 15.67 5.98
CA TYR A 53 -15.20 14.58 4.94
C TYR A 53 -16.49 14.47 4.19
N ASP A 54 -16.43 13.99 2.93
CA ASP A 54 -17.61 13.53 2.21
C ASP A 54 -18.20 12.35 2.98
N PRO A 55 -19.51 12.12 2.85
CA PRO A 55 -20.11 10.89 3.33
C PRO A 55 -19.46 9.71 2.61
N LEU A 56 -19.23 8.65 3.36
CA LEU A 56 -18.54 7.44 2.83
C LEU A 56 -19.27 6.19 3.28
N TRP A 57 -19.67 5.35 2.32
CA TRP A 57 -20.08 3.97 2.67
C TRP A 57 -18.83 3.22 3.08
N LEU A 58 -18.82 2.67 4.28
CA LEU A 58 -17.66 1.90 4.77
C LEU A 58 -17.84 0.42 4.39
N ILE A 59 -17.03 -0.04 3.45
CA ILE A 59 -17.16 -1.42 2.90
C ILE A 59 -16.28 -2.31 3.78
N THR A 60 -16.91 -3.03 4.72
CA THR A 60 -16.22 -3.75 5.80
C THR A 60 -16.23 -5.26 5.56
N LYS A 61 -17.09 -5.76 4.70
CA LYS A 61 -17.26 -7.23 4.52
C LYS A 61 -16.50 -7.69 3.31
N TYR A 62 -15.87 -8.85 3.43
CA TYR A 62 -15.10 -9.47 2.34
C TYR A 62 -15.93 -9.58 1.07
N ALA A 63 -17.14 -10.10 1.20
CA ALA A 63 -17.96 -10.32 -0.01
C ALA A 63 -18.31 -9.00 -0.69
N ASP A 64 -18.54 -7.96 0.10
CA ASP A 64 -18.91 -6.63 -0.43
C ASP A 64 -17.69 -6.03 -1.14
N LEU A 65 -16.49 -6.23 -0.61
CA LEU A 65 -15.30 -5.70 -1.30
C LEU A 65 -15.20 -6.34 -2.70
N MET A 66 -15.42 -7.63 -2.79
CA MET A 66 -15.34 -8.28 -4.13
C MET A 66 -16.48 -7.77 -5.02
N GLU A 67 -17.68 -7.65 -4.47
CA GLU A 67 -18.86 -7.20 -5.26
C GLU A 67 -18.61 -5.82 -5.87
N VAL A 68 -18.03 -4.93 -5.09
CA VAL A 68 -17.75 -3.56 -5.59
C VAL A 68 -16.61 -3.60 -6.59
N GLU A 69 -15.51 -4.24 -6.23
CA GLU A 69 -14.29 -4.17 -7.08
C GLU A 69 -14.45 -4.88 -8.41
N ARG A 70 -15.31 -5.89 -8.50
CA ARG A 70 -15.50 -6.60 -9.78
C ARG A 70 -16.50 -5.87 -10.70
N GLN A 71 -17.04 -4.72 -10.28
CA GLN A 71 -18.00 -3.94 -11.11
C GLN A 71 -17.50 -2.52 -11.29
N PRO A 72 -16.37 -2.29 -11.99
CA PRO A 72 -15.83 -0.95 -12.19
C PRO A 72 -16.74 -0.04 -13.05
N GLN A 73 -17.61 -0.60 -13.87
CA GLN A 73 -18.57 0.19 -14.67
C GLN A 73 -19.61 0.84 -13.75
N ILE A 74 -19.80 0.29 -12.56
CA ILE A 74 -20.73 0.85 -11.55
C ILE A 74 -19.93 1.68 -10.54
N PHE A 75 -18.80 1.17 -10.04
CA PHE A 75 -18.05 1.80 -8.94
C PHE A 75 -16.69 2.23 -9.50
N ALA A 76 -16.57 3.52 -9.83
CA ALA A 76 -15.41 4.06 -10.53
C ALA A 76 -14.36 4.48 -9.52
N ALA A 77 -13.10 4.46 -9.96
CA ALA A 77 -11.96 4.95 -9.13
C ALA A 77 -11.78 6.45 -9.32
N GLY A 78 -11.81 6.93 -10.56
CA GLY A 78 -11.47 8.33 -10.89
C GLY A 78 -12.65 9.18 -11.27
N GLY A 79 -13.85 8.60 -11.33
CA GLY A 79 -15.06 9.34 -11.69
C GLY A 79 -15.61 8.96 -13.04
N GLY A 80 -15.01 8.00 -13.74
CA GLY A 80 -15.55 7.61 -15.08
C GLY A 80 -15.20 8.65 -16.16
N GLU A 81 -16.16 9.01 -17.01
CA GLU A 81 -15.91 9.93 -18.15
C GLU A 81 -15.51 11.32 -17.61
N ASP A 82 -16.00 11.68 -16.41
CA ASP A 82 -15.60 12.98 -15.78
C ASP A 82 -14.30 12.70 -15.03
N LYS A 83 -13.20 12.65 -15.77
CA LYS A 83 -11.91 12.16 -15.25
C LYS A 83 -11.43 13.04 -14.13
N GLY A 84 -11.05 12.44 -13.01
CA GLY A 84 -10.57 13.18 -11.86
C GLY A 84 -11.67 13.78 -11.04
N SER A 85 -12.91 13.37 -11.22
CA SER A 85 -14.03 13.85 -10.38
C SER A 85 -14.08 13.08 -9.06
N ASN A 86 -13.37 11.97 -8.91
CA ASN A 86 -13.25 11.24 -7.62
C ASN A 86 -11.78 11.07 -7.27
N ASN A 87 -11.45 11.36 -6.03
CA ASN A 87 -10.09 11.06 -5.52
C ASN A 87 -10.07 9.62 -5.04
N PRO A 88 -9.28 8.72 -5.65
CA PRO A 88 -9.22 7.34 -5.18
C PRO A 88 -8.58 7.15 -3.81
N ILE A 89 -7.87 8.14 -3.29
CA ILE A 89 -7.17 8.09 -2.00
C ILE A 89 -7.86 9.11 -1.09
N LEU A 90 -8.41 8.70 0.04
CA LEU A 90 -9.31 9.60 0.78
C LEU A 90 -8.52 10.82 1.28
N ALA A 91 -8.84 12.00 0.73
CA ALA A 91 -8.48 13.28 1.37
C ALA A 91 -9.69 13.85 2.09
N ASN A 92 -9.46 14.77 3.00
CA ASN A 92 -10.59 15.53 3.55
C ASN A 92 -11.07 16.52 2.50
N GLN A 93 -12.22 17.13 2.76
CA GLN A 93 -12.83 18.08 1.83
C GLN A 93 -11.88 19.24 1.57
N ALA A 94 -11.25 19.78 2.60
CA ALA A 94 -10.32 20.90 2.43
C ALA A 94 -9.16 20.52 1.51
N GLY A 95 -8.68 19.30 1.63
CA GLY A 95 -7.61 18.76 0.79
C GLY A 95 -8.04 18.66 -0.66
N ASP A 96 -9.19 18.08 -0.91
CA ASP A 96 -9.69 17.96 -2.29
C ASP A 96 -9.95 19.37 -2.86
N GLU A 97 -10.38 20.33 -2.05
CA GLU A 97 -10.55 21.73 -2.56
C GLU A 97 -9.18 22.34 -2.92
N PHE A 98 -8.13 22.14 -2.12
CA PHE A 98 -6.77 22.52 -2.48
C PHE A 98 -6.35 21.92 -3.82
N THR A 99 -6.56 20.60 -3.97
CA THR A 99 -6.16 19.95 -5.22
C THR A 99 -6.94 20.51 -6.40
N ARG A 100 -8.22 20.78 -6.25
CA ARG A 100 -9.00 21.32 -7.39
CA ARG A 100 -9.02 21.35 -7.37
C ARG A 100 -8.45 22.73 -7.74
N GLN A 101 -8.01 23.53 -6.76
CA GLN A 101 -7.31 24.83 -7.08
C GLN A 101 -6.00 24.59 -7.82
N LEU A 102 -5.24 23.56 -7.43
CA LEU A 102 -3.95 23.28 -8.06
C LEU A 102 -4.16 22.82 -9.51
N LEU A 103 -5.08 21.90 -9.73
CA LEU A 103 -5.23 21.21 -11.03
C LEU A 103 -6.26 21.93 -11.90
N GLY A 104 -7.05 22.84 -11.33
CA GLY A 104 -8.14 23.50 -12.06
C GLY A 104 -9.38 22.64 -12.23
N GLY A 105 -10.00 22.18 -11.14
CA GLY A 105 -11.35 21.66 -11.18
C GLY A 105 -11.44 20.16 -11.04
N ASN A 106 -10.32 19.46 -10.91
CA ASN A 106 -10.36 18.00 -10.72
C ASN A 106 -9.28 17.55 -9.78
N LEU A 107 -9.29 16.23 -9.53
CA LEU A 107 -8.51 15.62 -8.43
C LEU A 107 -7.49 14.61 -8.97
N ARG A 108 -7.32 14.54 -10.28
CA ARG A 108 -6.39 13.58 -10.89
C ARG A 108 -4.97 14.15 -10.82
N ILE A 109 -4.35 14.04 -9.66
CA ILE A 109 -3.02 14.67 -9.46
C ILE A 109 -1.92 13.79 -10.02
N LEU A 110 -2.22 12.52 -10.25
CA LEU A 110 -1.24 11.61 -10.87
C LEU A 110 -1.91 10.87 -12.02
N ASP A 111 -1.15 10.60 -13.07
CA ASP A 111 -1.67 9.77 -14.18
C ASP A 111 -1.11 8.36 -13.91
N ALA A 112 -1.55 7.77 -12.82
CA ALA A 112 -1.13 6.46 -12.32
C ALA A 112 -2.38 5.59 -12.19
N LEU A 113 -2.19 4.28 -12.24
CA LEU A 113 -3.31 3.31 -12.27
C LEU A 113 -4.44 3.61 -11.28
N PRO A 114 -4.20 4.00 -10.01
CA PRO A 114 -5.32 4.12 -9.08
C PRO A 114 -6.34 5.16 -9.50
N TYR A 115 -5.93 6.12 -10.32
CA TYR A 115 -6.72 7.30 -10.72
C TYR A 115 -7.52 7.03 -11.99
N LEU A 116 -7.29 5.87 -12.62
CA LEU A 116 -7.81 5.58 -13.98
C LEU A 116 -9.00 4.63 -13.93
N ASP A 117 -9.85 4.78 -14.94
CA ASP A 117 -11.01 3.90 -15.19
C ASP A 117 -10.86 3.29 -16.57
N GLN A 118 -11.59 2.23 -16.79
CA GLN A 118 -11.51 1.52 -18.10
C GLN A 118 -12.18 2.38 -19.14
N PRO A 119 -11.74 2.33 -20.41
CA PRO A 119 -10.64 1.47 -20.86
C PRO A 119 -9.23 2.06 -20.71
N GLU A 120 -9.09 3.33 -20.33
CA GLU A 120 -7.79 3.98 -20.13
C GLU A 120 -6.92 3.15 -19.19
N HIS A 121 -7.52 2.68 -18.09
CA HIS A 121 -6.78 1.92 -17.07
C HIS A 121 -6.15 0.70 -17.74
N SER A 122 -6.90 0.05 -18.62
CA SER A 122 -6.42 -1.17 -19.30
C SER A 122 -5.29 -0.87 -20.24
N VAL A 123 -5.40 0.19 -21.02
CA VAL A 123 -4.33 0.62 -21.96
C VAL A 123 -3.06 0.89 -21.18
N VAL A 124 -3.15 1.62 -20.06
CA VAL A 124 -1.95 1.97 -19.32
C VAL A 124 -1.40 0.70 -18.65
N LYS A 125 -2.25 -0.09 -17.99
CA LYS A 125 -1.76 -1.26 -17.24
C LYS A 125 -1.03 -2.23 -18.21
N ASP A 126 -1.49 -2.31 -19.43
CA ASP A 126 -0.87 -3.21 -20.48
C ASP A 126 0.61 -2.90 -20.67
N VAL A 127 1.06 -1.67 -20.40
CA VAL A 127 2.49 -1.31 -20.52
C VAL A 127 3.32 -2.28 -19.67
N ALA A 128 2.94 -2.54 -18.42
CA ALA A 128 3.78 -3.22 -17.42
C ALA A 128 3.20 -4.58 -17.04
N PHE A 129 2.01 -4.96 -17.54
CA PHE A 129 1.31 -6.20 -17.11
C PHE A 129 2.26 -7.41 -17.17
N ASP A 130 2.85 -7.65 -18.33
CA ASP A 130 3.72 -8.84 -18.50
C ASP A 130 4.92 -8.80 -17.56
N TRP A 131 5.51 -7.64 -17.35
CA TRP A 131 6.75 -7.50 -16.56
C TRP A 131 6.50 -8.03 -15.17
N PHE A 132 5.32 -7.73 -14.62
CA PHE A 132 4.93 -8.07 -13.23
C PHE A 132 4.35 -9.49 -13.04
N ARG A 133 4.25 -10.30 -14.10
CA ARG A 133 3.72 -11.68 -13.99
C ARG A 133 4.78 -12.58 -13.37
N PRO A 134 4.36 -13.57 -12.58
CA PRO A 134 5.32 -14.41 -11.87
C PRO A 134 6.44 -14.98 -12.75
N ALA A 135 6.13 -15.49 -13.93
CA ALA A 135 7.13 -16.18 -14.79
C ALA A 135 8.18 -15.17 -15.24
N ASN A 136 7.79 -13.91 -15.33
CA ASN A 136 8.67 -12.84 -15.81
C ASN A 136 9.49 -12.27 -14.66
N LEU A 137 9.13 -12.52 -13.40
CA LEU A 137 9.90 -12.05 -12.23
C LEU A 137 10.96 -13.08 -11.84
N LYS A 138 10.89 -14.31 -12.35
CA LYS A 138 11.86 -15.37 -11.95
C LYS A 138 13.28 -14.94 -12.28
N LYS A 139 13.48 -14.20 -13.37
CA LYS A 139 14.82 -13.78 -13.82
C LYS A 139 15.47 -12.93 -12.73
N TRP A 140 14.71 -12.41 -11.76
CA TRP A 140 15.31 -11.52 -10.73
C TRP A 140 15.61 -12.26 -9.44
N GLU A 141 15.16 -13.50 -9.28
CA GLU A 141 15.18 -14.18 -7.97
C GLU A 141 16.63 -14.21 -7.45
N ASP A 142 17.59 -14.61 -8.28
CA ASP A 142 18.98 -14.76 -7.75
C ASP A 142 19.49 -13.41 -7.25
N ARG A 143 19.25 -12.31 -7.98
CA ARG A 143 19.71 -10.95 -7.60
C ARG A 143 18.97 -10.53 -6.32
N ILE A 144 17.68 -10.81 -6.21
CA ILE A 144 16.95 -10.51 -4.95
C ILE A 144 17.60 -11.29 -3.80
N ARG A 145 17.95 -12.54 -4.05
CA ARG A 145 18.53 -13.40 -3.00
C ARG A 145 19.89 -12.82 -2.60
N GLU A 146 20.69 -12.36 -3.54
CA GLU A 146 22.03 -11.78 -3.19
C GLU A 146 21.79 -10.52 -2.35
N THR A 147 20.75 -9.75 -2.68
CA THR A 147 20.41 -8.52 -1.93
C THR A 147 19.98 -8.91 -0.53
N ALA A 148 19.10 -9.89 -0.39
CA ALA A 148 18.65 -10.35 0.94
C ALA A 148 19.86 -10.75 1.77
N ARG A 149 20.77 -11.53 1.17
CA ARG A 149 21.96 -12.07 1.90
C ARG A 149 22.82 -10.91 2.43
N ALA A 150 23.05 -9.89 1.61
CA ALA A 150 23.83 -8.66 1.94
C ALA A 150 23.16 -7.95 3.11
N SER A 151 21.84 -7.88 3.07
CA SER A 151 21.08 -7.21 4.16
C SER A 151 21.22 -8.01 5.47
N ILE A 152 21.16 -9.33 5.41
CA ILE A 152 21.20 -10.20 6.60
C ILE A 152 22.63 -10.15 7.20
N ASP A 153 23.66 -10.10 6.37
CA ASP A 153 25.08 -9.98 6.81
C ASP A 153 25.24 -8.69 7.61
N ARG A 154 24.71 -7.58 7.11
CA ARG A 154 24.70 -6.29 7.87
C ARG A 154 23.92 -6.48 9.18
N LEU A 155 22.76 -7.13 9.18
CA LEU A 155 21.98 -7.39 10.42
C LEU A 155 22.86 -8.18 11.40
N LEU A 156 23.45 -9.28 10.97
CA LEU A 156 24.29 -10.13 11.86
C LEU A 156 25.46 -9.29 12.40
N ALA A 157 26.12 -8.49 11.58
CA ALA A 157 27.29 -7.68 12.01
C ALA A 157 26.86 -6.60 13.00
N GLY A 158 25.60 -6.14 12.97
CA GLY A 158 25.10 -5.02 13.77
C GLY A 158 24.70 -5.42 15.17
N GLY A 159 24.61 -6.71 15.46
CA GLY A 159 24.28 -7.18 16.83
C GLY A 159 22.78 -7.37 17.02
N PRO A 160 22.37 -7.91 18.19
CA PRO A 160 21.03 -8.43 18.35
C PRO A 160 19.98 -7.36 18.72
N ASP A 161 20.39 -6.13 19.00
CA ASP A 161 19.44 -5.12 19.56
C ASP A 161 19.25 -4.03 18.50
N LEU A 162 18.02 -3.87 17.98
CA LEU A 162 17.81 -2.87 16.90
C LEU A 162 16.34 -2.57 16.76
N ASP A 163 16.06 -1.51 16.01
CA ASP A 163 14.72 -1.28 15.42
C ASP A 163 14.60 -2.13 14.15
N ALA A 164 13.83 -3.22 14.19
CA ALA A 164 13.69 -4.16 13.04
C ALA A 164 13.15 -3.42 11.82
N VAL A 165 12.53 -2.26 12.00
CA VAL A 165 12.03 -1.48 10.83
C VAL A 165 13.13 -0.58 10.26
N GLN A 166 13.51 0.54 10.93
CA GLN A 166 14.39 1.54 10.29
C GLN A 166 15.84 1.10 10.23
N GLU A 167 16.23 0.07 10.98
CA GLU A 167 17.62 -0.40 10.94
C GLU A 167 17.67 -1.75 10.19
N PHE A 168 16.57 -2.24 9.56
CA PHE A 168 16.66 -3.53 8.83
C PHE A 168 15.64 -3.58 7.67
N ALA A 169 14.38 -3.72 8.01
CA ALA A 169 13.33 -4.12 7.05
C ALA A 169 13.24 -3.11 5.92
N VAL A 170 13.52 -1.80 6.16
CA VAL A 170 13.30 -0.77 5.10
C VAL A 170 14.30 -0.88 3.95
N PHE A 171 15.51 -1.36 4.17
CA PHE A 171 16.60 -1.23 3.17
C PHE A 171 16.45 -2.27 2.04
N PHE A 172 16.08 -3.49 2.38
CA PHE A 172 16.07 -4.62 1.41
C PHE A 172 15.10 -4.27 0.28
N PRO A 173 13.81 -3.99 0.56
CA PRO A 173 12.84 -3.77 -0.53
C PRO A 173 13.16 -2.52 -1.33
N LEU A 174 13.71 -1.50 -0.65
CA LEU A 174 14.16 -0.29 -1.36
C LEU A 174 15.32 -0.61 -2.31
N ARG A 175 16.31 -1.38 -1.88
CA ARG A 175 17.45 -1.71 -2.79
C ARG A 175 16.93 -2.56 -3.96
N VAL A 176 16.05 -3.53 -3.70
CA VAL A 176 15.51 -4.37 -4.81
C VAL A 176 14.81 -3.47 -5.83
N ILE A 177 13.84 -2.64 -5.38
CA ILE A 177 13.02 -1.90 -6.39
C ILE A 177 13.90 -0.88 -7.11
N MET A 178 14.86 -0.23 -6.42
CA MET A 178 15.70 0.77 -7.11
C MET A 178 16.63 0.08 -8.12
N SER A 179 17.09 -1.11 -7.81
CA SER A 179 17.94 -1.91 -8.73
CA SER A 179 17.94 -1.92 -8.73
C SER A 179 17.11 -2.30 -9.97
N LEU A 180 15.87 -2.75 -9.77
CA LEU A 180 15.00 -3.18 -10.92
C LEU A 180 14.64 -1.96 -11.75
N PHE A 181 14.43 -0.85 -11.05
CA PHE A 181 13.94 0.40 -11.63
C PHE A 181 15.07 0.98 -12.45
N GLY A 182 16.29 0.91 -11.92
CA GLY A 182 17.52 1.42 -12.56
C GLY A 182 18.01 2.74 -11.94
N VAL A 183 17.53 3.11 -10.75
CA VAL A 183 17.98 4.27 -9.94
C VAL A 183 19.27 3.91 -9.20
N PRO A 184 20.37 4.71 -9.32
CA PRO A 184 21.63 4.41 -8.66
C PRO A 184 21.55 4.44 -7.12
N GLU A 185 22.45 3.76 -6.43
CA GLU A 185 22.37 3.54 -4.97
C GLU A 185 22.36 4.90 -4.27
N GLU A 186 23.09 5.89 -4.80
CA GLU A 186 23.32 7.16 -4.07
C GLU A 186 21.98 7.94 -3.96
N ASP A 187 20.98 7.62 -4.80
CA ASP A 187 19.65 8.30 -4.80
C ASP A 187 18.67 7.63 -3.83
N GLU A 188 19.04 6.51 -3.19
CA GLU A 188 18.11 5.78 -2.29
C GLU A 188 17.71 6.64 -1.09
N PRO A 189 18.62 7.34 -0.38
CA PRO A 189 18.19 8.12 0.78
C PRO A 189 17.09 9.14 0.44
N ARG A 190 17.21 9.82 -0.67
CA ARG A 190 16.23 10.86 -1.10
C ARG A 190 14.93 10.12 -1.48
N MET A 191 15.01 8.93 -2.11
CA MET A 191 13.78 8.17 -2.46
C MET A 191 13.09 7.78 -1.15
N MET A 192 13.87 7.35 -0.14
CA MET A 192 13.31 6.91 1.16
CA MET A 192 13.29 6.92 1.15
C MET A 192 12.64 8.14 1.83
N ALA A 193 13.29 9.29 1.78
CA ALA A 193 12.80 10.53 2.44
C ALA A 193 11.45 10.90 1.80
N LEU A 194 11.38 10.89 0.48
CA LEU A 194 10.15 11.24 -0.26
C LEU A 194 9.06 10.19 -0.03
N THR A 195 9.38 8.91 0.06
CA THR A 195 8.38 7.88 0.39
C THR A 195 7.81 8.16 1.78
N GLN A 196 8.66 8.55 2.73
CA GLN A 196 8.14 8.92 4.08
C GLN A 196 7.21 10.12 3.97
N ASP A 197 7.57 11.14 3.18
CA ASP A 197 6.71 12.35 3.00
C ASP A 197 5.37 11.92 2.38
N PHE A 198 5.43 10.99 1.45
CA PHE A 198 4.25 10.60 0.60
C PHE A 198 3.25 9.85 1.46
N PHE A 199 3.69 8.83 2.20
CA PHE A 199 2.78 8.02 3.04
C PHE A 199 2.58 8.64 4.43
N GLY A 200 3.26 9.75 4.73
CA GLY A 200 3.25 10.37 6.07
C GLY A 200 2.50 11.69 6.08
N VAL A 201 1.67 11.95 5.08
CA VAL A 201 1.04 13.28 4.86
C VAL A 201 0.25 13.69 6.09
N ALA A 202 -0.24 12.77 6.89
CA ALA A 202 -1.12 13.10 8.05
C ALA A 202 -0.46 12.65 9.34
N ASP A 203 0.83 12.31 9.30
CA ASP A 203 1.54 11.79 10.49
C ASP A 203 2.38 12.94 11.04
N PRO A 204 2.19 13.41 12.28
CA PRO A 204 2.91 14.58 12.77
C PRO A 204 4.42 14.33 12.80
N ASP A 205 4.86 13.09 12.81
CA ASP A 205 6.32 12.80 12.86
C ASP A 205 6.94 12.82 11.45
N ALA A 206 6.14 13.03 10.39
CA ALA A 206 6.60 12.92 8.98
C ALA A 206 6.31 14.22 8.22
N GLN A 207 6.14 15.32 8.95
CA GLN A 207 5.78 16.63 8.34
C GLN A 207 6.92 17.20 7.47
N ARG A 208 6.62 17.65 6.25
CA ARG A 208 7.60 18.40 5.43
C ARG A 208 7.75 19.82 5.99
N ASP A 209 8.93 20.41 5.83
CA ASP A 209 9.15 21.80 6.36
C ASP A 209 8.57 22.84 5.42
N ASP A 210 8.21 22.49 4.19
CA ASP A 210 7.93 23.49 3.14
C ASP A 210 6.41 23.72 2.97
N ILE A 211 5.53 23.10 3.75
CA ILE A 211 4.08 23.39 3.58
C ILE A 211 3.52 23.69 4.96
N GLU A 212 2.32 24.26 5.04
CA GLU A 212 1.65 24.56 6.33
C GLU A 212 1.34 23.22 7.02
N ALA A 213 1.76 23.04 8.26
CA ALA A 213 1.60 21.73 8.93
C ALA A 213 0.22 21.61 9.53
N LEU A 214 -0.42 22.73 9.92
CA LEU A 214 -1.66 22.65 10.74
C LEU A 214 -2.89 23.17 9.98
N SER A 215 -2.74 23.53 8.72
CA SER A 215 -3.84 24.02 7.84
CA SER A 215 -3.87 24.04 7.91
C SER A 215 -4.85 22.89 7.65
N PRO A 216 -6.15 23.16 7.39
CA PRO A 216 -7.12 22.09 7.12
C PRO A 216 -6.72 21.22 5.91
N ASP A 217 -5.90 21.76 5.01
CA ASP A 217 -5.50 21.08 3.74
C ASP A 217 -4.06 20.62 3.82
N ALA A 218 -3.47 20.53 5.01
CA ALA A 218 -2.05 20.21 5.18
C ALA A 218 -1.64 18.92 4.48
N ALA A 219 -2.43 17.88 4.63
CA ALA A 219 -2.09 16.55 4.05
C ALA A 219 -2.09 16.62 2.53
N ALA A 220 -3.03 17.35 1.95
CA ALA A 220 -3.08 17.53 0.48
C ALA A 220 -1.93 18.40 -0.01
N GLN A 221 -1.55 19.45 0.74
CA GLN A 221 -0.32 20.22 0.41
C GLN A 221 0.92 19.33 0.42
N GLN A 222 1.09 18.47 1.41
CA GLN A 222 2.26 17.58 1.54
C GLN A 222 2.29 16.63 0.35
N TRP A 223 1.13 16.05 0.05
CA TRP A 223 1.03 15.10 -1.10
C TRP A 223 1.47 15.78 -2.37
N ALA A 224 0.95 16.98 -2.68
CA ALA A 224 1.31 17.71 -3.90
C ALA A 224 2.78 18.10 -3.92
N ALA A 225 3.30 18.60 -2.79
CA ALA A 225 4.72 19.02 -2.69
C ALA A 225 5.60 17.81 -2.99
N THR A 226 5.25 16.65 -2.44
CA THR A 226 6.05 15.42 -2.58
C THR A 226 6.06 14.98 -4.05
N ILE A 227 4.87 14.99 -4.66
CA ILE A 227 4.73 14.65 -6.09
C ILE A 227 5.58 15.59 -6.94
N ALA A 228 5.57 16.91 -6.66
CA ALA A 228 6.36 17.87 -7.45
C ALA A 228 7.84 17.50 -7.33
N ASP A 229 8.35 17.13 -6.15
CA ASP A 229 9.78 16.69 -6.00
C ASP A 229 10.02 15.42 -6.86
N PHE A 230 9.07 14.51 -6.88
CA PHE A 230 9.20 13.28 -7.73
C PHE A 230 9.26 13.67 -9.21
N TYR A 231 8.37 14.54 -9.71
CA TYR A 231 8.29 14.93 -11.12
C TYR A 231 9.62 15.53 -11.57
N ALA A 232 10.23 16.38 -10.73
CA ALA A 232 11.53 17.03 -11.08
C ALA A 232 12.55 15.91 -11.35
N TYR A 233 12.64 14.94 -10.45
CA TYR A 233 13.61 13.82 -10.55
C TYR A 233 13.27 12.95 -11.76
N PHE A 234 12.01 12.57 -11.89
CA PHE A 234 11.61 11.57 -12.92
C PHE A 234 11.66 12.15 -14.34
N ASP A 235 11.54 13.46 -14.50
CA ASP A 235 11.55 14.04 -15.85
C ASP A 235 12.94 13.78 -16.43
N VAL A 236 13.95 13.90 -15.58
CA VAL A 236 15.38 13.72 -16.01
C VAL A 236 15.56 12.25 -16.40
N LEU A 237 14.99 11.32 -15.63
CA LEU A 237 15.08 9.84 -15.85
C LEU A 237 14.32 9.47 -17.14
N VAL A 238 13.16 10.06 -17.39
CA VAL A 238 12.39 9.74 -18.62
C VAL A 238 13.22 10.17 -19.84
N GLU A 239 13.71 11.42 -19.86
CA GLU A 239 14.45 11.92 -21.07
C GLU A 239 15.73 11.08 -21.24
N SER A 240 16.36 10.69 -20.14
CA SER A 240 17.59 9.84 -20.15
C SER A 240 17.34 8.46 -20.79
N ARG A 241 16.29 7.74 -20.40
CA ARG A 241 15.99 6.40 -20.99
C ARG A 241 15.42 6.53 -22.41
N ARG A 242 14.74 7.63 -22.75
CA ARG A 242 14.27 7.81 -24.15
C ARG A 242 15.48 8.02 -25.08
N ALA A 243 16.46 8.79 -24.64
CA ALA A 243 17.70 9.12 -25.39
C ALA A 243 18.56 7.85 -25.47
N GLU A 244 18.74 7.15 -24.35
CA GLU A 244 19.62 5.95 -24.25
C GLU A 244 18.95 4.83 -23.48
N PRO A 245 18.17 3.93 -24.13
CA PRO A 245 17.50 2.85 -23.41
C PRO A 245 18.46 1.93 -22.66
N ARG A 246 18.01 1.40 -21.51
CA ARG A 246 18.74 0.35 -20.76
C ARG A 246 17.82 -0.84 -20.59
N ASP A 247 18.35 -1.94 -20.06
CA ASP A 247 17.54 -3.14 -19.73
C ASP A 247 16.99 -2.98 -18.30
N ASP A 248 16.12 -1.99 -18.08
CA ASP A 248 15.53 -1.77 -16.74
C ASP A 248 14.05 -1.36 -16.84
N LEU A 249 13.37 -1.34 -15.72
CA LEU A 249 11.93 -1.04 -15.69
C LEU A 249 11.72 0.43 -16.06
N ALA A 250 12.67 1.30 -15.68
CA ALA A 250 12.57 2.73 -16.01
C ALA A 250 12.47 2.84 -17.52
N THR A 251 13.25 2.03 -18.25
CA THR A 251 13.19 2.12 -19.74
C THR A 251 11.83 1.66 -20.27
N LEU A 252 11.33 0.52 -19.83
CA LEU A 252 10.06 -0.10 -20.31
C LEU A 252 8.98 0.98 -20.25
N ILE A 253 8.94 1.66 -19.13
CA ILE A 253 7.89 2.71 -18.91
C ILE A 253 8.22 4.01 -19.66
N ALA A 254 9.46 4.45 -19.61
CA ALA A 254 9.90 5.69 -20.30
C ALA A 254 9.62 5.61 -21.81
N VAL A 255 9.84 4.47 -22.46
CA VAL A 255 9.76 4.38 -23.95
C VAL A 255 8.38 3.96 -24.40
N ALA A 256 7.42 3.75 -23.49
CA ALA A 256 6.13 3.12 -23.82
C ALA A 256 5.39 4.00 -24.83
N LYS A 257 4.81 3.38 -25.87
CA LYS A 257 4.06 4.10 -26.92
C LYS A 257 2.65 3.54 -27.02
N ASP A 258 1.72 4.38 -27.45
CA ASP A 258 0.30 4.00 -27.58
C ASP A 258 0.12 3.26 -28.93
N GLU A 259 -1.11 2.93 -29.23
CA GLU A 259 -1.49 2.15 -30.45
C GLU A 259 -1.14 2.95 -31.69
N ASN A 260 -0.93 4.28 -31.58
CA ASN A 260 -0.61 5.15 -32.76
C ASN A 260 0.90 5.37 -32.87
N GLY A 261 1.71 4.75 -32.03
CA GLY A 261 3.16 4.96 -32.09
C GLY A 261 3.61 6.26 -31.45
N GLU A 262 2.75 6.99 -30.72
CA GLU A 262 3.16 8.20 -29.95
C GLU A 262 3.56 7.76 -28.53
N TYR A 263 4.64 8.30 -27.99
CA TYR A 263 4.92 8.15 -26.54
C TYR A 263 3.63 8.49 -25.79
N PHE A 264 3.32 7.73 -24.74
CA PHE A 264 2.35 8.19 -23.71
C PHE A 264 2.86 9.51 -23.19
N PRO A 265 1.99 10.45 -22.79
CA PRO A 265 2.48 11.71 -22.22
C PRO A 265 3.40 11.41 -21.02
N LYS A 266 4.41 12.24 -20.81
CA LYS A 266 5.45 11.98 -19.79
C LYS A 266 4.81 11.77 -18.41
N THR A 267 3.70 12.43 -18.11
CA THR A 267 3.09 12.26 -16.79
C THR A 267 2.69 10.81 -16.52
N PHE A 268 2.37 10.02 -17.54
CA PHE A 268 2.10 8.56 -17.34
C PHE A 268 3.33 7.85 -16.82
N ALA A 269 4.52 8.11 -17.41
CA ALA A 269 5.79 7.60 -16.89
C ALA A 269 5.99 8.13 -15.46
N TYR A 270 5.78 9.42 -15.22
CA TYR A 270 6.00 9.92 -13.84
C TYR A 270 5.09 9.16 -12.88
N GLY A 271 3.87 8.86 -13.32
CA GLY A 271 2.88 8.18 -12.42
C GLY A 271 3.34 6.80 -12.07
N TRP A 272 3.78 6.05 -13.06
CA TRP A 272 4.36 4.71 -12.82
C TRP A 272 5.51 4.82 -11.83
N PHE A 273 6.39 5.77 -12.07
CA PHE A 273 7.63 5.98 -11.31
C PHE A 273 7.32 6.38 -9.86
N VAL A 274 6.35 7.28 -9.66
CA VAL A 274 5.89 7.54 -8.27
C VAL A 274 5.36 6.27 -7.59
N ALA A 275 4.49 5.48 -8.25
CA ALA A 275 3.95 4.26 -7.64
C ALA A 275 5.09 3.30 -7.34
N ILE A 276 5.96 3.08 -8.30
CA ILE A 276 7.13 2.16 -8.11
C ILE A 276 8.08 2.63 -6.99
N ALA A 277 8.35 3.92 -6.90
CA ALA A 277 9.34 4.49 -5.95
C ALA A 277 8.81 4.47 -4.53
N THR A 278 7.48 4.30 -4.34
CA THR A 278 6.83 4.38 -3.01
C THR A 278 6.19 3.03 -2.68
N ALA A 279 5.09 2.70 -3.35
CA ALA A 279 4.36 1.46 -3.14
C ALA A 279 5.28 0.26 -3.42
N GLY A 280 6.31 0.48 -4.21
CA GLY A 280 7.17 -0.61 -4.70
C GLY A 280 8.06 -1.16 -3.62
N HIS A 281 8.18 -0.49 -2.49
CA HIS A 281 8.99 -1.02 -1.36
C HIS A 281 8.36 -0.85 0.02
N ASP A 282 7.58 0.21 0.28
CA ASP A 282 7.16 0.50 1.66
C ASP A 282 6.33 -0.63 2.28
N THR A 283 5.37 -1.17 1.51
CA THR A 283 4.44 -2.19 2.04
C THR A 283 5.15 -3.54 2.19
N THR A 284 6.17 -3.78 1.41
CA THR A 284 7.03 -4.98 1.54
C THR A 284 7.78 -4.92 2.87
N ALA A 285 8.34 -3.75 3.18
CA ALA A 285 9.04 -3.53 4.46
C ALA A 285 8.08 -3.69 5.62
N SER A 286 6.88 -3.09 5.56
CA SER A 286 5.87 -3.22 6.62
C SER A 286 5.47 -4.67 6.88
N THR A 287 5.26 -5.42 5.81
CA THR A 287 4.80 -6.81 5.95
C THR A 287 5.94 -7.64 6.61
N LEU A 288 7.16 -7.37 6.20
CA LEU A 288 8.34 -8.11 6.76
C LEU A 288 8.42 -7.80 8.25
N ALA A 289 8.29 -6.51 8.63
CA ALA A 289 8.32 -6.15 10.06
C ALA A 289 7.18 -6.77 10.83
N GLY A 290 5.96 -6.77 10.27
CA GLY A 290 4.81 -7.37 10.93
C GLY A 290 4.97 -8.86 11.07
N CYS A 291 5.60 -9.47 10.07
CA CYS A 291 5.96 -10.92 10.15
C CYS A 291 6.87 -11.16 11.37
N LEU A 292 7.93 -10.39 11.52
CA LEU A 292 8.87 -10.54 12.68
C LEU A 292 8.10 -10.33 13.98
N GLN A 293 7.23 -9.32 14.02
CA GLN A 293 6.40 -9.07 15.20
C GLN A 293 5.56 -10.31 15.54
N SER A 294 4.97 -10.96 14.54
CA SER A 294 4.11 -12.13 14.76
C SER A 294 4.99 -13.31 15.23
N LEU A 295 6.20 -13.44 14.68
CA LEU A 295 7.12 -14.55 15.08
C LEU A 295 7.57 -14.33 16.53
N ALA A 296 7.62 -13.10 17.02
CA ALA A 296 7.93 -12.80 18.44
C ALA A 296 6.77 -13.28 19.31
N ALA A 297 5.54 -13.06 18.85
CA ALA A 297 4.32 -13.44 19.59
C ALA A 297 4.09 -14.96 19.52
N HIS A 298 4.51 -15.60 18.41
CA HIS A 298 4.25 -17.03 18.15
C HIS A 298 5.56 -17.75 17.86
N PRO A 299 6.43 -17.90 18.88
CA PRO A 299 7.74 -18.53 18.66
C PRO A 299 7.61 -19.97 18.09
N GLU A 300 6.53 -20.68 18.36
CA GLU A 300 6.23 -22.05 17.84
C GLU A 300 6.16 -21.99 16.32
N VAL A 301 5.68 -20.86 15.77
CA VAL A 301 5.59 -20.70 14.30
C VAL A 301 6.99 -20.57 13.76
N LEU A 302 7.87 -19.79 14.39
CA LEU A 302 9.25 -19.67 13.91
C LEU A 302 9.91 -21.08 13.95
N ASP A 303 9.68 -21.83 15.03
CA ASP A 303 10.28 -23.19 15.14
C ASP A 303 9.81 -24.05 13.96
N ARG A 304 8.52 -24.02 13.68
CA ARG A 304 7.92 -24.83 12.60
C ARG A 304 8.49 -24.43 11.21
N VAL A 305 8.61 -23.14 10.91
CA VAL A 305 9.05 -22.71 9.55
C VAL A 305 10.56 -22.93 9.41
N LYS A 306 11.31 -22.94 10.52
CA LYS A 306 12.75 -23.29 10.47
C LYS A 306 12.86 -24.81 10.18
N GLY A 307 11.92 -25.59 10.68
CA GLY A 307 11.88 -27.06 10.51
C GLY A 307 11.45 -27.43 9.10
N ASP A 308 10.57 -26.62 8.51
CA ASP A 308 10.02 -26.85 7.15
C ASP A 308 9.95 -25.52 6.39
N PRO A 309 11.03 -25.16 5.68
CA PRO A 309 11.11 -23.93 4.87
C PRO A 309 10.02 -23.82 3.80
N ASP A 310 9.37 -24.93 3.44
CA ASP A 310 8.28 -24.96 2.43
C ASP A 310 7.04 -24.25 2.99
N LEU A 311 6.99 -24.03 4.31
CA LEU A 311 5.89 -23.29 4.99
C LEU A 311 6.06 -21.78 4.78
N ILE A 312 7.15 -21.33 4.20
CA ILE A 312 7.46 -19.86 4.12
C ILE A 312 6.39 -19.15 3.31
N PRO A 313 5.93 -19.68 2.15
CA PRO A 313 4.85 -18.98 1.43
C PRO A 313 3.57 -18.84 2.25
N ASP A 314 3.23 -19.85 3.06
CA ASP A 314 2.05 -19.78 3.94
C ASP A 314 2.27 -18.70 5.01
N LEU A 315 3.46 -18.62 5.53
CA LEU A 315 3.81 -17.58 6.53
C LEU A 315 3.67 -16.20 5.85
N VAL A 316 4.18 -16.07 4.63
CA VAL A 316 4.04 -14.79 3.88
C VAL A 316 2.54 -14.46 3.74
N ASN A 317 1.71 -15.38 3.24
CA ASN A 317 0.26 -15.13 3.05
C ASN A 317 -0.45 -14.73 4.34
N GLU A 318 -0.11 -15.36 5.48
CA GLU A 318 -0.82 -15.06 6.73
C GLU A 318 -0.32 -13.70 7.24
N SER A 319 0.93 -13.35 7.03
CA SER A 319 1.48 -12.02 7.37
C SER A 319 0.77 -10.95 6.52
N LEU A 320 0.59 -11.21 5.23
CA LEU A 320 -0.16 -10.24 4.37
C LEU A 320 -1.58 -10.06 4.91
N ARG A 321 -2.28 -11.13 5.28
CA ARG A 321 -3.66 -11.04 5.79
C ARG A 321 -3.69 -10.21 7.09
N ILE A 322 -2.79 -10.52 8.03
CA ILE A 322 -2.79 -9.88 9.38
C ILE A 322 -2.36 -8.40 9.26
N VAL A 323 -1.30 -8.12 8.51
CA VAL A 323 -0.71 -6.76 8.42
C VAL A 323 -1.58 -5.90 7.52
N SER A 324 -1.99 -6.40 6.35
CA SER A 324 -2.88 -5.70 5.41
C SER A 324 -2.52 -4.22 5.37
N PRO A 325 -1.30 -3.84 4.98
CA PRO A 325 -0.80 -2.48 5.18
C PRO A 325 -1.48 -1.47 4.24
N VAL A 326 -2.09 -1.90 3.15
CA VAL A 326 -2.84 -0.94 2.31
C VAL A 326 -4.28 -0.96 2.78
N LYS A 327 -4.74 0.11 3.44
CA LYS A 327 -5.98 0.13 4.21
C LYS A 327 -7.20 0.44 3.35
N HIS A 328 -7.08 1.25 2.28
CA HIS A 328 -8.24 1.59 1.46
C HIS A 328 -7.82 2.18 0.13
N PHE A 329 -8.78 2.14 -0.78
CA PHE A 329 -8.96 3.12 -1.87
C PHE A 329 -10.45 3.47 -1.86
N THR A 330 -10.81 4.55 -2.54
CA THR A 330 -12.21 5.00 -2.62
C THR A 330 -12.76 4.75 -4.01
N ARG A 331 -14.07 4.66 -4.06
CA ARG A 331 -14.80 4.53 -5.32
C ARG A 331 -16.00 5.46 -5.28
N VAL A 332 -16.55 5.73 -6.43
CA VAL A 332 -17.81 6.51 -6.52
C VAL A 332 -18.81 5.74 -7.36
N ALA A 333 -20.05 5.71 -6.87
CA ALA A 333 -21.17 5.03 -7.55
C ALA A 333 -21.53 5.84 -8.78
N LEU A 334 -21.49 5.25 -9.97
CA LEU A 334 -21.89 5.95 -11.22
C LEU A 334 -23.41 5.82 -11.43
N GLN A 335 -24.03 4.96 -10.68
CA GLN A 335 -25.49 4.76 -10.73
C GLN A 335 -25.95 4.30 -9.38
N ASP A 336 -27.24 4.47 -9.11
CA ASP A 336 -27.78 3.88 -7.89
C ASP A 336 -27.53 2.37 -7.89
N TYR A 337 -27.34 1.79 -6.72
CA TYR A 337 -27.01 0.35 -6.57
C TYR A 337 -27.44 -0.13 -5.20
N GLU A 338 -28.13 -1.26 -5.16
CA GLU A 338 -28.56 -1.85 -3.89
C GLU A 338 -27.60 -2.94 -3.46
N MET A 339 -27.22 -2.92 -2.20
CA MET A 339 -26.33 -3.98 -1.67
C MET A 339 -26.60 -4.12 -0.18
N ARG A 340 -26.72 -5.36 0.30
CA ARG A 340 -26.91 -5.68 1.72
C ARG A 340 -28.04 -4.81 2.29
N GLY A 341 -29.10 -4.64 1.51
CA GLY A 341 -30.33 -3.96 1.95
C GLY A 341 -30.20 -2.45 1.98
N GLN A 342 -29.06 -1.89 1.52
CA GLN A 342 -28.82 -0.44 1.54
C GLN A 342 -28.90 0.07 0.10
N LYS A 343 -29.35 1.29 -0.06
CA LYS A 343 -29.45 1.98 -1.35
C LYS A 343 -28.29 2.97 -1.50
N ILE A 344 -27.24 2.56 -2.21
CA ILE A 344 -26.14 3.48 -2.59
C ILE A 344 -26.61 4.31 -3.76
N LYS A 345 -26.51 5.63 -3.64
CA LYS A 345 -27.03 6.55 -4.65
C LYS A 345 -25.89 6.94 -5.58
N ALA A 346 -26.20 7.22 -6.83
CA ALA A 346 -25.28 7.76 -7.84
C ALA A 346 -24.57 8.95 -7.19
N GLY A 347 -23.22 9.00 -7.26
CA GLY A 347 -22.44 10.09 -6.68
C GLY A 347 -21.94 9.79 -5.29
N ASP A 348 -22.47 8.78 -4.63
CA ASP A 348 -22.05 8.42 -3.27
C ASP A 348 -20.65 7.79 -3.35
N ARG A 349 -19.76 8.18 -2.44
CA ARG A 349 -18.42 7.56 -2.37
C ARG A 349 -18.41 6.41 -1.39
N LEU A 350 -17.47 5.48 -1.63
CA LEU A 350 -17.26 4.24 -0.88
C LEU A 350 -15.82 4.18 -0.44
N MET A 351 -15.56 3.71 0.76
CA MET A 351 -14.18 3.46 1.26
C MET A 351 -14.00 1.95 1.41
N LEU A 352 -13.11 1.35 0.61
CA LEU A 352 -12.90 -0.09 0.63
C LEU A 352 -11.96 -0.43 1.76
N LEU A 353 -12.43 -1.07 2.81
CA LEU A 353 -11.55 -1.32 3.99
C LEU A 353 -10.94 -2.74 3.91
N PHE A 354 -9.81 -2.86 3.22
CA PHE A 354 -9.21 -4.19 2.98
C PHE A 354 -8.85 -4.83 4.30
N GLN A 355 -8.39 -4.07 5.29
CA GLN A 355 -7.98 -4.70 6.57
C GLN A 355 -9.21 -5.34 7.22
N SER A 356 -10.38 -4.73 7.12
CA SER A 356 -11.62 -5.29 7.69
C SER A 356 -12.01 -6.58 6.92
N GLY A 357 -11.96 -6.56 5.59
CA GLY A 357 -12.25 -7.74 4.77
C GLY A 357 -11.42 -8.91 5.26
N ASN A 358 -10.17 -8.65 5.63
CA ASN A 358 -9.20 -9.66 6.06
C ASN A 358 -9.48 -10.15 7.48
N ARG A 359 -10.46 -9.60 8.18
CA ARG A 359 -10.86 -10.11 9.53
C ARG A 359 -12.31 -10.60 9.52
N ASP A 360 -12.92 -10.75 8.36
CA ASP A 360 -14.33 -11.13 8.21
C ASP A 360 -14.53 -12.60 8.72
N ALA A 361 -15.23 -12.78 9.84
CA ALA A 361 -15.43 -14.14 10.45
C ALA A 361 -16.30 -15.03 9.55
N GLU A 362 -17.00 -14.49 8.54
CA GLU A 362 -17.77 -15.33 7.59
C GLU A 362 -16.79 -16.05 6.66
N VAL A 363 -15.56 -15.56 6.55
CA VAL A 363 -14.58 -16.10 5.57
C VAL A 363 -13.47 -16.84 6.30
N PHE A 364 -12.97 -16.24 7.37
CA PHE A 364 -11.78 -16.69 8.11
C PHE A 364 -12.23 -17.18 9.47
N ASP A 365 -11.99 -18.44 9.75
CA ASP A 365 -12.21 -18.99 11.10
C ASP A 365 -11.17 -18.38 12.06
N ARG A 366 -11.61 -17.90 13.23
CA ARG A 366 -10.75 -17.22 14.23
C ARG A 366 -9.89 -16.18 13.53
N PRO A 367 -10.53 -15.14 12.97
CA PRO A 367 -9.80 -14.24 12.08
C PRO A 367 -8.70 -13.39 12.75
N ASP A 368 -8.72 -13.19 14.07
CA ASP A 368 -7.65 -12.43 14.74
C ASP A 368 -6.48 -13.33 15.10
N ASP A 369 -6.59 -14.65 14.91
CA ASP A 369 -5.48 -15.59 15.20
C ASP A 369 -4.51 -15.61 14.01
N PHE A 370 -3.23 -15.61 14.32
CA PHE A 370 -2.13 -15.82 13.37
C PHE A 370 -2.02 -17.34 13.11
N ASP A 371 -2.49 -17.80 11.97
CA ASP A 371 -2.62 -19.26 11.65
C ASP A 371 -2.09 -19.47 10.24
N ILE A 372 -0.86 -19.94 10.11
CA ILE A 372 -0.27 -20.13 8.75
C ILE A 372 -0.90 -21.33 8.05
N ASP A 373 -1.70 -22.17 8.73
CA ASP A 373 -2.33 -23.38 8.12
C ASP A 373 -3.70 -23.07 7.50
N ARG A 374 -4.05 -21.81 7.24
CA ARG A 374 -5.24 -21.54 6.40
C ARG A 374 -4.92 -21.91 4.96
N ARG A 375 -5.65 -22.86 4.37
CA ARG A 375 -5.25 -23.34 3.01
C ARG A 375 -6.54 -23.75 2.32
N PRO A 376 -7.02 -22.98 1.31
CA PRO A 376 -6.35 -21.75 0.83
C PRO A 376 -6.43 -20.52 1.76
N ASN A 377 -5.41 -19.65 1.74
CA ASN A 377 -5.45 -18.38 2.49
C ASN A 377 -6.09 -17.34 1.54
N LYS A 378 -7.35 -17.13 1.70
CA LYS A 378 -8.25 -16.35 0.82
C LYS A 378 -8.06 -14.83 1.03
N HIS A 379 -6.91 -14.35 1.53
CA HIS A 379 -6.81 -12.91 1.95
C HIS A 379 -7.03 -11.98 0.76
N ILE A 380 -7.49 -10.78 1.08
CA ILE A 380 -7.76 -9.70 0.09
C ILE A 380 -6.79 -8.55 0.38
N ALA A 381 -5.57 -8.82 0.87
CA ALA A 381 -4.58 -7.75 1.18
C ALA A 381 -4.13 -7.02 -0.10
N PHE A 382 -4.25 -7.64 -1.29
CA PHE A 382 -3.91 -7.01 -2.59
C PHE A 382 -5.16 -6.46 -3.30
N GLY A 383 -6.32 -6.46 -2.65
CA GLY A 383 -7.52 -5.98 -3.36
C GLY A 383 -8.04 -6.98 -4.37
N TYR A 384 -8.77 -6.50 -5.36
CA TYR A 384 -9.63 -7.35 -6.20
C TYR A 384 -10.04 -6.51 -7.38
N GLY A 385 -10.45 -7.17 -8.46
CA GLY A 385 -10.90 -6.49 -9.65
C GLY A 385 -9.75 -5.97 -10.46
N PRO A 386 -10.02 -5.14 -11.49
CA PRO A 386 -8.97 -4.71 -12.42
C PRO A 386 -7.88 -3.87 -11.74
N HIS A 387 -8.17 -3.26 -10.60
CA HIS A 387 -7.15 -2.48 -9.82
C HIS A 387 -6.35 -3.34 -8.88
N MET A 388 -6.57 -4.66 -8.86
CA MET A 388 -5.81 -5.56 -7.97
C MET A 388 -4.32 -5.26 -8.11
N CYS A 389 -3.62 -5.26 -6.97
CA CYS A 389 -2.20 -4.90 -6.87
C CYS A 389 -1.38 -5.51 -8.01
N ILE A 390 -0.78 -4.70 -8.85
CA ILE A 390 0.09 -5.18 -9.94
C ILE A 390 1.41 -5.68 -9.38
N GLY A 391 1.84 -5.22 -8.21
CA GLY A 391 3.16 -5.60 -7.68
C GLY A 391 3.15 -6.82 -6.84
N GLN A 392 2.01 -7.50 -6.70
CA GLN A 392 1.83 -8.49 -5.62
C GLN A 392 2.87 -9.63 -5.78
N HIS A 393 3.16 -10.01 -7.02
CA HIS A 393 4.02 -11.21 -7.23
C HIS A 393 5.47 -10.83 -6.93
N LEU A 394 5.85 -9.59 -7.22
CA LEU A 394 7.18 -9.08 -6.79
C LEU A 394 7.25 -9.05 -5.26
N ALA A 395 6.26 -8.51 -4.58
CA ALA A 395 6.21 -8.45 -3.10
C ALA A 395 6.35 -9.86 -2.52
N LYS A 396 5.53 -10.80 -3.00
CA LYS A 396 5.53 -12.17 -2.45
C LYS A 396 6.90 -12.81 -2.71
N LEU A 397 7.50 -12.57 -3.85
CA LEU A 397 8.85 -13.15 -4.15
C LEU A 397 9.88 -12.56 -3.19
N GLU A 398 9.91 -11.25 -3.02
CA GLU A 398 10.90 -10.62 -2.11
C GLU A 398 10.72 -11.17 -0.69
N LEU A 399 9.47 -11.30 -0.22
CA LEU A 399 9.22 -11.73 1.18
C LEU A 399 9.64 -13.21 1.31
N LYS A 400 9.29 -14.02 0.30
CA LYS A 400 9.69 -15.46 0.34
C LYS A 400 11.22 -15.54 0.43
N VAL A 401 11.91 -14.88 -0.46
CA VAL A 401 13.40 -14.97 -0.58
C VAL A 401 14.04 -14.42 0.70
N MET A 402 13.57 -13.28 1.22
CA MET A 402 14.17 -12.78 2.48
C MET A 402 13.96 -13.78 3.60
N LEU A 403 12.78 -14.36 3.74
CA LEU A 403 12.54 -15.23 4.93
C LEU A 403 13.29 -16.58 4.72
N GLN A 404 13.47 -17.04 3.49
CA GLN A 404 14.29 -18.26 3.22
C GLN A 404 15.73 -18.00 3.68
N GLU A 405 16.27 -16.81 3.45
CA GLU A 405 17.67 -16.47 3.85
C GLU A 405 17.72 -16.11 5.34
N LEU A 406 16.70 -15.47 5.87
CA LEU A 406 16.78 -14.87 7.24
C LEU A 406 16.48 -15.93 8.29
N LEU A 407 15.43 -16.73 8.15
CA LEU A 407 14.87 -17.48 9.28
C LEU A 407 15.87 -18.52 9.78
N PRO A 408 16.70 -19.17 8.92
CA PRO A 408 17.75 -20.06 9.45
C PRO A 408 18.66 -19.34 10.45
N HIS A 409 18.85 -18.03 10.34
CA HIS A 409 19.75 -17.25 11.21
C HIS A 409 19.06 -16.85 12.50
N LEU A 410 17.74 -16.99 12.62
CA LEU A 410 16.97 -16.55 13.82
C LEU A 410 16.55 -17.74 14.67
N GLU A 411 16.97 -17.70 15.92
CA GLU A 411 16.51 -18.66 16.93
C GLU A 411 15.27 -18.11 17.64
N ARG A 412 15.22 -16.80 17.90
CA ARG A 412 14.11 -16.17 18.66
C ARG A 412 14.02 -14.71 18.25
N VAL A 413 12.81 -14.19 18.24
CA VAL A 413 12.59 -12.73 18.12
C VAL A 413 11.88 -12.28 19.39
N GLU A 414 12.40 -11.25 20.04
CA GLU A 414 11.69 -10.64 21.19
C GLU A 414 11.49 -9.14 20.91
N VAL A 415 10.28 -8.68 21.13
CA VAL A 415 9.98 -7.23 21.07
C VAL A 415 10.35 -6.65 22.44
N SER A 416 11.29 -5.72 22.39
CA SER A 416 12.04 -5.21 23.56
C SER A 416 11.70 -3.73 23.82
N GLY A 417 10.80 -3.14 23.03
CA GLY A 417 10.30 -1.77 23.25
C GLY A 417 8.97 -1.55 22.57
N GLU A 418 8.37 -0.38 22.74
CA GLU A 418 7.01 -0.08 22.24
C GLU A 418 7.03 0.00 20.72
N PRO A 419 6.17 -0.79 20.02
CA PRO A 419 6.05 -0.66 18.57
C PRO A 419 5.39 0.68 18.21
N LYS A 420 5.68 1.23 17.04
CA LYS A 420 5.01 2.48 16.58
C LYS A 420 4.47 2.21 15.17
N LEU A 421 3.25 2.66 14.96
CA LEU A 421 2.55 2.54 13.65
C LEU A 421 2.62 3.89 12.95
N ILE A 422 2.68 3.87 11.64
CA ILE A 422 2.48 5.10 10.82
C ILE A 422 1.06 5.59 11.05
N GLN A 423 0.89 6.89 11.33
CA GLN A 423 -0.47 7.44 11.52
C GLN A 423 -1.00 7.81 10.12
N THR A 424 -1.83 6.94 9.55
CA THR A 424 -2.40 7.13 8.22
C THR A 424 -3.64 6.26 8.13
N ASN A 425 -4.59 6.69 7.32
CA ASN A 425 -5.74 5.86 6.95
C ASN A 425 -5.46 5.20 5.61
N PHE A 426 -4.26 5.33 5.06
CA PHE A 426 -4.00 4.91 3.66
C PHE A 426 -3.00 3.74 3.65
N VAL A 427 -1.71 4.03 3.63
CA VAL A 427 -0.69 2.96 3.54
C VAL A 427 0.12 3.04 4.83
N GLY A 428 -0.10 2.07 5.70
CA GLY A 428 0.44 2.09 7.07
C GLY A 428 1.21 0.83 7.42
N GLY A 429 1.19 0.51 8.72
CA GLY A 429 2.04 -0.55 9.26
C GLY A 429 3.10 0.03 10.20
N LEU A 430 4.03 -0.79 10.61
CA LEU A 430 5.04 -0.38 11.62
C LEU A 430 6.03 0.62 11.04
N ARG A 431 6.36 1.70 11.79
CA ARG A 431 7.58 2.49 11.49
C ARG A 431 8.71 2.16 12.49
N LYS A 432 8.36 1.53 13.58
CA LYS A 432 9.34 1.13 14.63
C LYS A 432 8.96 -0.20 15.25
N LEU A 433 9.94 -1.11 15.39
CA LEU A 433 9.74 -2.39 16.10
C LEU A 433 11.03 -2.72 16.82
N PRO A 434 11.19 -2.20 18.07
CA PRO A 434 12.42 -2.47 18.80
C PRO A 434 12.45 -3.97 19.18
N VAL A 435 13.56 -4.61 18.84
CA VAL A 435 13.71 -6.08 19.04
C VAL A 435 15.05 -6.38 19.72
N HIS A 436 15.05 -7.54 20.35
CA HIS A 436 16.25 -8.32 20.76
C HIS A 436 16.17 -9.67 20.04
N LEU A 437 17.10 -9.92 19.12
CA LEU A 437 17.18 -11.15 18.31
C LEU A 437 18.14 -12.12 19.02
N THR A 438 17.83 -13.41 18.99
CA THR A 438 18.80 -14.49 19.31
C THR A 438 19.19 -15.12 17.98
N PHE A 439 20.45 -14.95 17.54
CA PHE A 439 20.98 -15.54 16.29
C PHE A 439 21.31 -17.04 16.54
N SER A 440 21.05 -17.89 15.55
CA SER A 440 21.29 -19.36 15.56
C SER A 440 22.80 -19.63 15.42
#